data_3DB9
#
_entry.id   3DB9
#
_cell.length_a   101.374
_cell.length_b   101.374
_cell.length_c   84.325
_cell.angle_alpha   90.00
_cell.angle_beta   90.00
_cell.angle_gamma   120.00
#
_symmetry.space_group_name_H-M   'P 62 2 2'
#
loop_
_entity.id
_entity.type
_entity.pdbx_description
1 polymer 'UPF0317 protein Atu3911'
2 water water
#
_entity_poly.entity_id   1
_entity_poly.type   'polypeptide(L)'
_entity_poly.pdbx_seq_one_letter_code
;MTIPTSYLNHTDAEAARKARATYRDGLVAPTSGIAPGFTQANMIVLPRDWAFDFLLYAQRNPKPCPVLDVSDPGSPTTLL
APGADLRTDLPLYRIWRDGKLAEETADATSAWAERDDLVAFLIGCSFTFETPMVEAGIEIRHMTDKSNVPMYLTNRPCRP
AGRLKGNMVVSMRPIPASRVADAATISGRFPAVHGAPVHVGAPEQIGISDLSKPDFGDAVRIEPGEVPVFWACGVTPQAA
VMASGVPFAITHAPGHMFITDIPDTAYHA
;
_entity_poly.pdbx_strand_id   A
#
# COMPACT_ATOMS: atom_id res chain seq x y z
N THR A 11 -1.24 -22.87 1.12
CA THR A 11 -1.71 -24.25 1.47
C THR A 11 -2.58 -24.21 2.73
N ASP A 12 -3.57 -25.10 2.80
CA ASP A 12 -4.49 -25.17 3.95
C ASP A 12 -5.36 -23.92 3.90
N ALA A 13 -4.82 -22.88 3.29
CA ALA A 13 -5.53 -21.62 3.15
C ALA A 13 -6.24 -21.19 4.43
N GLU A 14 -5.48 -20.92 5.47
CA GLU A 14 -6.02 -20.58 6.77
C GLU A 14 -4.90 -20.55 7.80
N ALA A 15 -5.03 -19.64 8.77
CA ALA A 15 -3.87 -19.23 9.55
C ALA A 15 -3.41 -17.85 9.14
N ALA A 16 -3.84 -17.43 7.96
CA ALA A 16 -4.03 -16.02 7.66
C ALA A 16 -5.27 -15.46 8.33
N ARG A 17 -6.27 -16.31 8.56
CA ARG A 17 -7.45 -15.89 9.28
C ARG A 17 -7.19 -15.94 10.77
N LYS A 18 -5.96 -16.31 11.11
CA LYS A 18 -5.55 -16.46 12.50
C LYS A 18 -4.82 -15.19 12.94
N ALA A 19 -4.16 -14.53 11.99
CA ALA A 19 -3.45 -13.30 12.30
C ALA A 19 -4.49 -12.20 12.41
N ARG A 20 -5.42 -12.18 11.47
CA ARG A 20 -6.49 -11.19 11.46
C ARG A 20 -7.20 -11.29 12.80
N ALA A 21 -7.35 -12.53 13.27
CA ALA A 21 -8.01 -12.79 14.52
C ALA A 21 -7.26 -12.17 15.70
N THR A 22 -5.93 -12.16 15.63
CA THR A 22 -5.16 -11.56 16.71
C THR A 22 -5.34 -10.03 16.66
N TYR A 23 -5.63 -9.51 15.48
CA TYR A 23 -5.78 -8.07 15.35
C TYR A 23 -7.14 -7.56 15.84
N ARG A 24 -8.13 -8.45 15.93
CA ARG A 24 -9.43 -8.04 16.46
C ARG A 24 -9.25 -7.78 17.95
N ASP A 25 -8.56 -8.71 18.61
CA ASP A 25 -8.27 -8.56 20.04
C ASP A 25 -7.59 -7.21 20.26
N GLY A 26 -6.74 -6.83 19.31
CA GLY A 26 -6.05 -5.57 19.41
C GLY A 26 -4.55 -5.66 19.61
N LEU A 27 -3.89 -6.50 18.81
CA LEU A 27 -2.45 -6.68 18.93
C LEU A 27 -1.70 -5.90 17.84
N VAL A 28 -1.55 -4.59 18.02
CA VAL A 28 -0.85 -3.78 17.03
C VAL A 28 0.49 -4.41 16.76
N ALA A 29 0.93 -4.36 15.51
CA ALA A 29 2.22 -4.96 15.17
C ALA A 29 2.42 -5.01 13.66
N PRO A 30 3.68 -4.99 13.20
CA PRO A 30 3.84 -5.06 11.75
C PRO A 30 3.30 -6.37 11.17
N THR A 31 3.04 -6.38 9.87
CA THR A 31 2.53 -7.57 9.20
C THR A 31 3.67 -8.31 8.48
N SER A 32 4.88 -7.81 8.61
CA SER A 32 6.03 -8.45 7.97
C SER A 32 6.22 -9.92 8.36
N GLY A 33 6.42 -10.75 7.33
CA GLY A 33 6.67 -12.16 7.51
C GLY A 33 5.47 -12.97 7.99
N ILE A 34 4.47 -12.32 8.56
CA ILE A 34 3.33 -13.06 9.04
C ILE A 34 2.68 -13.76 7.86
N ALA A 35 1.85 -14.75 8.17
CA ALA A 35 1.14 -15.53 7.17
C ALA A 35 1.85 -15.50 5.83
N PRO A 36 3.17 -15.73 5.83
CA PRO A 36 3.94 -15.70 4.57
C PRO A 36 3.34 -16.58 3.50
N GLY A 37 3.25 -16.05 2.29
CA GLY A 37 2.69 -16.83 1.20
C GLY A 37 1.35 -16.29 0.78
N PHE A 38 0.69 -15.56 1.67
CA PHE A 38 -0.61 -15.00 1.33
C PHE A 38 -0.48 -13.52 1.03
N THR A 39 -1.16 -13.08 -0.03
CA THR A 39 -1.15 -11.68 -0.42
C THR A 39 -1.46 -10.77 0.77
N GLN A 40 -0.88 -9.57 0.74
CA GLN A 40 -1.08 -8.60 1.80
C GLN A 40 -1.33 -7.26 1.08
N ALA A 41 -2.29 -6.45 1.55
CA ALA A 41 -2.62 -5.24 0.84
C ALA A 41 -2.65 -3.96 1.64
N ASN A 42 -2.73 -2.86 0.89
CA ASN A 42 -2.84 -1.54 1.48
C ASN A 42 -4.33 -1.26 1.45
N MET A 43 -4.76 -0.24 2.19
CA MET A 43 -6.16 0.13 2.22
C MET A 43 -6.38 1.62 2.07
N ILE A 44 -7.38 1.92 1.27
CA ILE A 44 -7.80 3.27 1.00
C ILE A 44 -9.33 3.24 0.96
N VAL A 45 -9.97 3.94 1.89
CA VAL A 45 -11.42 4.02 1.87
C VAL A 45 -11.81 5.48 1.84
N LEU A 46 -12.53 5.86 0.79
CA LEU A 46 -12.99 7.22 0.61
C LEU A 46 -14.51 7.29 0.53
N PRO A 47 -15.08 8.49 0.74
CA PRO A 47 -16.54 8.66 0.67
C PRO A 47 -16.99 8.27 -0.75
N ARG A 48 -18.24 7.82 -0.91
CA ARG A 48 -18.72 7.41 -2.25
C ARG A 48 -18.45 8.47 -3.30
N ASP A 49 -18.80 9.71 -3.00
CA ASP A 49 -18.61 10.80 -3.95
C ASP A 49 -17.17 10.99 -4.41
N TRP A 50 -16.27 10.13 -3.99
CA TRP A 50 -14.87 10.22 -4.41
C TRP A 50 -14.49 8.86 -5.01
N ALA A 51 -15.36 7.88 -4.77
CA ALA A 51 -15.17 6.52 -5.26
C ALA A 51 -14.88 6.49 -6.77
N PHE A 52 -15.77 7.07 -7.57
CA PHE A 52 -15.54 7.06 -9.00
C PHE A 52 -14.17 7.59 -9.41
N ASP A 53 -13.73 8.67 -8.75
CA ASP A 53 -12.44 9.28 -9.05
C ASP A 53 -11.26 8.38 -8.71
N PHE A 54 -11.31 7.69 -7.58
CA PHE A 54 -10.21 6.82 -7.20
C PHE A 54 -10.13 5.62 -8.13
N LEU A 55 -11.29 5.07 -8.48
CA LEU A 55 -11.36 3.92 -9.36
C LEU A 55 -10.79 4.31 -10.71
N LEU A 56 -11.12 5.52 -11.16
CA LEU A 56 -10.61 5.98 -12.45
C LEU A 56 -9.10 6.17 -12.34
N TYR A 57 -8.67 6.82 -11.27
CA TYR A 57 -7.26 7.06 -11.02
C TYR A 57 -6.52 5.72 -10.97
N ALA A 58 -7.16 4.74 -10.35
CA ALA A 58 -6.57 3.42 -10.21
C ALA A 58 -6.48 2.72 -11.55
N GLN A 59 -7.51 2.85 -12.39
CA GLN A 59 -7.47 2.22 -13.70
C GLN A 59 -6.53 2.97 -14.64
N ARG A 60 -6.35 4.27 -14.43
CA ARG A 60 -5.48 5.05 -15.29
C ARG A 60 -4.02 5.00 -14.90
N ASN A 61 -3.74 4.46 -13.72
CA ASN A 61 -2.38 4.34 -13.22
C ASN A 61 -2.24 2.98 -12.55
N PRO A 62 -2.35 1.92 -13.36
CA PRO A 62 -2.25 0.52 -12.93
C PRO A 62 -0.95 0.13 -12.21
N LYS A 63 0.16 0.76 -12.57
CA LYS A 63 1.40 0.41 -11.91
C LYS A 63 1.45 0.86 -10.47
N PRO A 64 1.29 2.18 -10.19
CA PRO A 64 1.34 2.66 -8.80
C PRO A 64 0.01 2.52 -8.06
N CYS A 65 -0.99 1.92 -8.70
CA CYS A 65 -2.28 1.78 -8.05
C CYS A 65 -3.05 0.53 -8.44
N PRO A 66 -2.50 -0.65 -8.12
CA PRO A 66 -3.15 -1.92 -8.46
C PRO A 66 -4.24 -2.41 -7.47
N VAL A 67 -5.49 -2.24 -7.87
CA VAL A 67 -6.62 -2.64 -7.04
C VAL A 67 -6.93 -4.14 -7.11
N LEU A 68 -7.00 -4.79 -5.94
CA LEU A 68 -7.31 -6.22 -5.85
C LEU A 68 -8.79 -6.41 -5.52
N ASP A 69 -9.37 -5.43 -4.83
CA ASP A 69 -10.79 -5.48 -4.50
C ASP A 69 -11.34 -4.15 -4.01
N VAL A 70 -12.61 -3.91 -4.33
CA VAL A 70 -13.29 -2.70 -3.91
C VAL A 70 -14.56 -3.18 -3.21
N SER A 71 -14.82 -2.64 -2.01
CA SER A 71 -15.99 -3.00 -1.23
C SER A 71 -17.24 -2.31 -1.77
N ASP A 72 -18.40 -2.83 -1.40
CA ASP A 72 -19.62 -2.18 -1.82
C ASP A 72 -19.78 -1.02 -0.86
N PRO A 73 -20.25 0.13 -1.34
CA PRO A 73 -20.46 1.33 -0.53
C PRO A 73 -21.07 1.03 0.83
N GLY A 74 -20.34 1.39 1.89
CA GLY A 74 -20.82 1.18 3.24
C GLY A 74 -20.58 -0.23 3.78
N SER A 75 -20.05 -1.10 2.94
CA SER A 75 -19.78 -2.47 3.34
C SER A 75 -18.31 -2.65 3.69
N PRO A 76 -18.00 -3.01 4.94
CA PRO A 76 -16.62 -3.19 5.34
C PRO A 76 -15.98 -4.54 5.02
N THR A 77 -16.62 -5.31 4.16
CA THR A 77 -16.12 -6.64 3.81
C THR A 77 -15.38 -6.67 2.48
N THR A 78 -14.67 -7.77 2.23
CA THR A 78 -13.91 -7.96 1.00
C THR A 78 -13.95 -9.41 0.57
N LEU A 79 -13.98 -9.62 -0.75
CA LEU A 79 -13.99 -10.96 -1.29
C LEU A 79 -12.62 -11.60 -1.11
N LEU A 80 -11.61 -10.77 -0.85
CA LEU A 80 -10.24 -11.25 -0.68
C LEU A 80 -10.01 -12.02 0.61
N ALA A 81 -11.06 -12.15 1.43
CA ALA A 81 -10.91 -12.87 2.68
C ALA A 81 -12.27 -13.00 3.38
N PRO A 82 -13.17 -13.84 2.82
CA PRO A 82 -14.52 -14.09 3.35
C PRO A 82 -14.59 -14.16 4.87
N GLY A 83 -15.47 -13.36 5.47
CA GLY A 83 -15.60 -13.38 6.91
C GLY A 83 -14.75 -12.39 7.67
N ALA A 84 -14.01 -11.54 6.95
CA ALA A 84 -13.15 -10.58 7.63
C ALA A 84 -13.91 -9.29 7.82
N ASP A 85 -13.31 -8.35 8.54
CA ASP A 85 -13.96 -7.07 8.79
C ASP A 85 -12.86 -6.03 8.73
N LEU A 86 -12.92 -5.18 7.70
CA LEU A 86 -11.91 -4.16 7.47
C LEU A 86 -11.81 -3.11 8.57
N ARG A 87 -12.79 -3.12 9.46
CA ARG A 87 -12.84 -2.18 10.56
C ARG A 87 -11.96 -2.63 11.73
N THR A 88 -11.73 -3.93 11.85
CA THR A 88 -10.92 -4.44 12.97
C THR A 88 -9.82 -5.43 12.63
N ASP A 89 -9.75 -5.87 11.38
CA ASP A 89 -8.77 -6.88 11.02
C ASP A 89 -7.37 -6.41 10.61
N LEU A 90 -7.11 -5.10 10.69
CA LEU A 90 -5.78 -4.58 10.40
C LEU A 90 -5.20 -4.24 11.75
N PRO A 91 -3.87 -4.25 11.88
CA PRO A 91 -3.25 -3.93 13.18
C PRO A 91 -3.38 -2.47 13.63
N LEU A 92 -3.34 -1.53 12.68
CA LEU A 92 -3.36 -0.10 13.01
C LEU A 92 -3.87 0.72 11.83
N TYR A 93 -4.67 1.74 12.11
CA TYR A 93 -5.25 2.57 11.06
C TYR A 93 -4.90 4.04 11.21
N ARG A 94 -5.08 4.80 10.13
CA ARG A 94 -4.84 6.23 10.15
C ARG A 94 -6.09 6.97 9.66
N ILE A 95 -6.78 7.67 10.57
CA ILE A 95 -7.94 8.42 10.16
C ILE A 95 -7.44 9.79 9.70
N TRP A 96 -7.76 10.14 8.45
CA TRP A 96 -7.38 11.41 7.85
C TRP A 96 -8.56 12.36 7.73
N ARG A 97 -8.39 13.58 8.24
CA ARG A 97 -9.45 14.60 8.20
C ARG A 97 -8.95 15.87 7.51
N ASP A 98 -9.71 16.35 6.52
CA ASP A 98 -9.36 17.53 5.76
C ASP A 98 -7.88 17.60 5.45
N GLY A 99 -7.42 16.69 4.59
CA GLY A 99 -6.03 16.65 4.21
C GLY A 99 -5.02 16.21 5.27
N LYS A 100 -5.32 16.45 6.55
CA LYS A 100 -4.37 16.11 7.62
C LYS A 100 -4.63 14.77 8.30
N LEU A 101 -3.70 14.38 9.16
CA LEU A 101 -3.77 13.13 9.91
C LEU A 101 -4.38 13.45 11.26
N ALA A 102 -5.54 12.87 11.54
CA ALA A 102 -6.22 13.14 12.79
C ALA A 102 -5.91 12.15 13.90
N GLU A 103 -5.44 10.96 13.56
CA GLU A 103 -5.12 9.97 14.61
C GLU A 103 -4.58 8.64 14.07
N GLU A 104 -4.37 7.69 14.98
CA GLU A 104 -3.84 6.38 14.61
C GLU A 104 -4.39 5.26 15.51
N THR A 105 -5.65 4.89 15.30
CA THR A 105 -6.32 3.84 16.11
C THR A 105 -6.06 2.41 15.61
N ALA A 106 -6.25 1.44 16.50
CA ALA A 106 -6.08 0.04 16.16
C ALA A 106 -7.44 -0.50 15.73
N ASP A 107 -8.46 0.35 15.83
CA ASP A 107 -9.80 -0.03 15.47
C ASP A 107 -10.45 1.13 14.73
N ALA A 108 -11.07 0.88 13.57
CA ALA A 108 -11.69 1.95 12.81
C ALA A 108 -13.22 1.90 12.83
N THR A 109 -13.77 0.96 13.58
CA THR A 109 -15.20 0.82 13.65
C THR A 109 -15.86 2.19 13.81
N SER A 110 -15.38 2.93 14.79
CA SER A 110 -15.92 4.23 15.10
C SER A 110 -16.03 5.19 13.92
N ALA A 111 -14.93 5.41 13.20
CA ALA A 111 -14.87 6.31 12.06
C ALA A 111 -15.61 5.78 10.83
N TRP A 112 -15.81 4.47 10.77
CA TRP A 112 -16.53 3.87 9.64
C TRP A 112 -17.99 4.23 9.79
N ALA A 113 -18.41 4.32 11.04
CA ALA A 113 -19.78 4.65 11.37
C ALA A 113 -20.08 6.11 11.09
N GLU A 114 -19.04 6.93 10.95
CA GLU A 114 -19.25 8.34 10.68
C GLU A 114 -20.05 8.59 9.41
N ARG A 115 -19.54 8.10 8.28
CA ARG A 115 -20.20 8.28 6.99
C ARG A 115 -20.91 6.98 6.54
N ASP A 116 -22.12 7.14 6.00
CA ASP A 116 -22.94 5.99 5.57
C ASP A 116 -22.51 5.16 4.36
N ASP A 117 -22.06 5.83 3.29
CA ASP A 117 -21.69 5.13 2.04
C ASP A 117 -20.20 4.95 1.72
N LEU A 118 -19.41 4.57 2.71
CA LEU A 118 -17.97 4.43 2.56
C LEU A 118 -17.50 3.32 1.66
N VAL A 119 -16.51 3.60 0.80
CA VAL A 119 -16.01 2.59 -0.12
C VAL A 119 -14.52 2.31 0.09
N ALA A 120 -14.19 1.05 0.35
CA ALA A 120 -12.79 0.69 0.60
C ALA A 120 -12.07 -0.01 -0.56
N PHE A 121 -10.83 0.39 -0.78
CA PHE A 121 -10.02 -0.19 -1.84
C PHE A 121 -8.79 -0.96 -1.35
N LEU A 122 -8.80 -2.26 -1.60
CA LEU A 122 -7.66 -3.11 -1.25
C LEU A 122 -6.76 -3.05 -2.47
N ILE A 123 -5.51 -2.65 -2.24
CA ILE A 123 -4.54 -2.50 -3.30
C ILE A 123 -3.31 -3.37 -3.13
N GLY A 124 -2.40 -2.94 -2.25
CA GLY A 124 -1.19 -3.70 -2.01
C GLY A 124 -0.33 -3.88 -3.26
N THR A 131 8.41 -12.29 -1.17
CA THR A 131 8.95 -13.53 -0.62
C THR A 131 9.49 -14.47 -1.69
N PRO A 132 8.81 -14.59 -2.84
CA PRO A 132 9.31 -15.49 -3.88
C PRO A 132 10.74 -15.14 -4.30
N MET A 133 11.07 -13.85 -4.23
CA MET A 133 12.41 -13.38 -4.60
C MET A 133 13.44 -13.98 -3.65
N VAL A 134 13.19 -13.83 -2.36
CA VAL A 134 14.09 -14.36 -1.34
C VAL A 134 14.22 -15.86 -1.49
N GLU A 135 13.33 -16.46 -2.28
CA GLU A 135 13.36 -17.90 -2.51
C GLU A 135 14.26 -18.22 -3.71
N ALA A 136 14.71 -17.18 -4.39
CA ALA A 136 15.59 -17.34 -5.54
C ALA A 136 17.03 -17.18 -5.07
N GLY A 137 17.20 -16.40 -4.00
CA GLY A 137 18.52 -16.17 -3.46
C GLY A 137 18.81 -14.70 -3.25
N ILE A 138 17.80 -13.87 -3.42
CA ILE A 138 17.94 -12.43 -3.25
C ILE A 138 17.81 -12.03 -1.78
N SER A 147 12.37 -2.03 9.54
CA SER A 147 11.67 -0.75 9.46
C SER A 147 10.78 -0.69 8.21
N ASN A 148 10.58 0.51 7.69
CA ASN A 148 9.75 0.71 6.51
C ASN A 148 10.59 1.13 5.29
N VAL A 149 10.41 0.39 4.20
CA VAL A 149 11.14 0.64 2.95
C VAL A 149 11.19 2.12 2.59
N PRO A 150 12.40 2.65 2.32
CA PRO A 150 12.59 4.07 1.95
C PRO A 150 11.80 4.41 0.69
N MET A 151 10.97 5.44 0.79
CA MET A 151 10.13 5.85 -0.34
C MET A 151 10.37 7.31 -0.73
N TYR A 152 10.33 7.57 -2.04
CA TYR A 152 10.60 8.90 -2.55
C TYR A 152 9.52 9.46 -3.47
N LEU A 153 9.36 10.78 -3.38
CA LEU A 153 8.40 11.49 -4.20
C LEU A 153 9.15 11.87 -5.48
N THR A 154 8.71 11.31 -6.59
CA THR A 154 9.37 11.55 -7.87
C THR A 154 9.03 12.88 -8.54
N ASN A 155 9.25 12.91 -9.85
CA ASN A 155 8.98 14.05 -10.70
C ASN A 155 8.16 13.51 -11.86
N ARG A 156 7.79 12.24 -11.75
CA ARG A 156 7.02 11.53 -12.77
C ARG A 156 5.55 11.53 -12.38
N PRO A 157 4.75 12.45 -12.92
CA PRO A 157 3.32 12.53 -12.61
C PRO A 157 2.51 11.33 -13.09
N CYS A 158 1.34 11.14 -12.48
CA CYS A 158 0.44 10.05 -12.87
C CYS A 158 -0.59 10.65 -13.80
N ARG A 159 -1.44 9.81 -14.37
CA ARG A 159 -2.50 10.30 -15.26
C ARG A 159 -3.61 10.78 -14.32
N PRO A 160 -4.05 12.04 -14.47
CA PRO A 160 -5.11 12.52 -13.57
C PRO A 160 -6.46 11.83 -13.78
N ALA A 161 -7.35 12.04 -12.82
CA ALA A 161 -8.70 11.49 -12.87
C ALA A 161 -9.58 12.34 -11.96
N GLY A 162 -10.41 13.19 -12.57
CA GLY A 162 -11.26 14.04 -11.77
C GLY A 162 -10.40 14.88 -10.85
N ARG A 163 -10.85 15.08 -9.62
CA ARG A 163 -10.11 15.87 -8.65
C ARG A 163 -8.77 15.24 -8.23
N LEU A 164 -8.40 14.12 -8.85
CA LEU A 164 -7.15 13.45 -8.47
C LEU A 164 -5.99 13.57 -9.43
N LYS A 165 -4.84 14.01 -8.90
CA LYS A 165 -3.62 14.14 -9.67
C LYS A 165 -2.41 14.16 -8.72
N GLY A 166 -1.21 14.08 -9.29
CA GLY A 166 0.00 14.08 -8.49
C GLY A 166 1.08 13.16 -9.06
N ASN A 167 2.30 13.27 -8.56
CA ASN A 167 3.39 12.42 -9.05
C ASN A 167 3.46 11.13 -8.25
N MET A 168 3.74 10.03 -8.95
CA MET A 168 3.83 8.73 -8.30
C MET A 168 4.96 8.72 -7.28
N VAL A 169 4.78 7.95 -6.22
CA VAL A 169 5.78 7.82 -5.18
C VAL A 169 6.49 6.48 -5.37
N VAL A 170 7.75 6.42 -4.98
CA VAL A 170 8.48 5.18 -5.17
C VAL A 170 9.17 4.59 -3.93
N SER A 171 9.34 3.27 -3.96
CA SER A 171 9.98 2.54 -2.88
C SER A 171 11.34 2.07 -3.41
N MET A 172 12.39 2.32 -2.63
CA MET A 172 13.71 1.91 -3.05
C MET A 172 14.11 0.63 -2.33
N ARG A 173 14.51 -0.38 -3.10
CA ARG A 173 14.98 -1.65 -2.56
C ARG A 173 16.33 -1.91 -3.23
N PRO A 174 17.41 -1.94 -2.44
CA PRO A 174 18.78 -2.18 -2.93
C PRO A 174 19.00 -3.61 -3.40
N ILE A 175 19.02 -3.80 -4.71
CA ILE A 175 19.20 -5.13 -5.26
C ILE A 175 20.60 -5.38 -5.82
N PRO A 176 21.16 -6.57 -5.57
CA PRO A 176 22.48 -6.87 -6.09
C PRO A 176 22.46 -6.68 -7.61
N ALA A 177 23.58 -6.23 -8.17
CA ALA A 177 23.69 -5.99 -9.61
C ALA A 177 23.54 -7.23 -10.47
N SER A 178 23.26 -8.37 -9.86
CA SER A 178 23.13 -9.59 -10.63
C SER A 178 21.71 -10.13 -10.60
N ARG A 179 20.88 -9.56 -9.74
CA ARG A 179 19.51 -10.01 -9.62
C ARG A 179 18.52 -8.88 -9.87
N VAL A 180 19.00 -7.80 -10.49
CA VAL A 180 18.13 -6.66 -10.81
C VAL A 180 17.20 -7.12 -11.92
N ALA A 181 17.79 -7.72 -12.95
CA ALA A 181 17.01 -8.24 -14.06
C ALA A 181 16.12 -9.30 -13.43
N ASP A 182 16.77 -10.25 -12.77
CA ASP A 182 16.08 -11.34 -12.09
C ASP A 182 15.07 -10.80 -11.09
N ALA A 183 15.12 -9.50 -10.84
CA ALA A 183 14.18 -8.87 -9.92
C ALA A 183 13.03 -8.38 -10.78
N ALA A 184 13.34 -8.10 -12.05
CA ALA A 184 12.35 -7.62 -12.99
C ALA A 184 11.48 -8.77 -13.50
N THR A 185 12.12 -9.82 -14.01
CA THR A 185 11.40 -10.98 -14.54
C THR A 185 10.69 -11.81 -13.47
N ILE A 186 11.20 -11.74 -12.25
CA ILE A 186 10.61 -12.49 -11.13
C ILE A 186 9.33 -11.84 -10.61
N SER A 187 9.37 -10.52 -10.45
CA SER A 187 8.23 -9.75 -9.96
C SER A 187 7.19 -9.58 -11.05
N GLY A 188 7.66 -9.45 -12.29
CA GLY A 188 6.75 -9.31 -13.40
C GLY A 188 5.60 -10.27 -13.28
N ARG A 189 5.92 -11.52 -12.97
CA ARG A 189 4.89 -12.54 -12.83
C ARG A 189 4.34 -12.54 -11.41
N PRO A 197 9.47 -3.02 -11.70
CA PRO A 197 10.22 -1.82 -11.27
C PRO A 197 9.92 -0.62 -12.18
N VAL A 198 9.71 0.55 -11.59
CA VAL A 198 9.45 1.76 -12.38
C VAL A 198 10.75 2.43 -12.83
N HIS A 199 11.72 2.53 -11.92
CA HIS A 199 12.99 3.13 -12.25
C HIS A 199 14.12 2.23 -11.74
N VAL A 200 15.33 2.42 -12.26
CA VAL A 200 16.49 1.64 -11.85
C VAL A 200 17.78 2.45 -12.03
N GLY A 201 18.48 2.69 -10.92
CA GLY A 201 19.69 3.46 -10.95
C GLY A 201 19.32 4.92 -11.14
N ALA A 202 20.24 5.70 -11.70
CA ALA A 202 20.02 7.11 -11.99
C ALA A 202 18.91 7.79 -11.20
N PRO A 203 19.03 7.84 -9.87
CA PRO A 203 17.99 8.48 -9.05
C PRO A 203 17.64 9.92 -9.43
N GLU A 204 18.61 10.67 -9.89
CA GLU A 204 18.38 12.06 -10.27
C GLU A 204 17.47 12.18 -11.48
N GLN A 205 17.34 11.09 -12.24
CA GLN A 205 16.51 11.11 -13.42
C GLN A 205 15.04 11.09 -13.06
N ILE A 206 14.72 10.78 -11.81
CA ILE A 206 13.33 10.81 -11.35
C ILE A 206 13.16 11.88 -10.25
N GLY A 207 14.13 12.78 -10.18
CA GLY A 207 14.09 13.84 -9.20
C GLY A 207 14.51 13.45 -7.81
N ILE A 208 15.61 12.73 -7.68
CA ILE A 208 16.12 12.34 -6.38
C ILE A 208 17.61 12.69 -6.32
N SER A 209 17.96 13.74 -5.58
CA SER A 209 19.35 14.17 -5.50
C SER A 209 20.14 13.61 -4.31
N ASP A 210 19.60 12.62 -3.62
CA ASP A 210 20.28 12.04 -2.47
C ASP A 210 19.41 10.99 -1.78
N LEU A 211 19.78 9.72 -1.86
CA LEU A 211 19.00 8.66 -1.24
C LEU A 211 19.04 8.75 0.27
N SER A 212 19.90 9.64 0.78
CA SER A 212 20.05 9.85 2.21
C SER A 212 18.73 10.26 2.85
N LYS A 213 18.12 11.30 2.31
CA LYS A 213 16.86 11.82 2.84
C LYS A 213 15.66 11.32 2.05
N PRO A 214 15.12 10.15 2.41
CA PRO A 214 13.97 9.66 1.67
C PRO A 214 12.79 10.62 1.89
N ASP A 215 11.77 10.54 1.05
CA ASP A 215 10.61 11.42 1.21
C ASP A 215 9.79 10.97 2.42
N PHE A 216 10.05 9.75 2.87
CA PHE A 216 9.32 9.23 4.03
C PHE A 216 10.28 8.61 5.05
N GLY A 217 11.01 9.48 5.75
CA GLY A 217 11.96 9.05 6.76
C GLY A 217 12.82 7.88 6.35
N ASP A 218 13.38 7.19 7.34
CA ASP A 218 14.22 6.02 7.11
C ASP A 218 15.57 6.34 6.47
N ALA A 219 16.04 5.41 5.64
CA ALA A 219 17.30 5.47 4.91
C ALA A 219 17.89 4.05 5.01
N VAL A 220 18.44 3.54 3.90
CA VAL A 220 18.99 2.19 3.91
C VAL A 220 20.44 2.15 3.49
N ARG A 221 21.12 1.07 3.89
CA ARG A 221 22.52 0.86 3.54
C ARG A 221 22.60 0.24 2.15
N ILE A 222 22.90 1.07 1.16
CA ILE A 222 23.01 0.63 -0.23
C ILE A 222 24.48 0.35 -0.55
N GLU A 223 24.88 -0.91 -0.38
CA GLU A 223 26.26 -1.35 -0.60
C GLU A 223 26.82 -1.31 -2.02
N PRO A 224 28.14 -1.49 -2.14
CA PRO A 224 28.86 -1.49 -3.41
C PRO A 224 28.51 -2.80 -4.12
N GLY A 225 27.92 -2.69 -5.31
CA GLY A 225 27.53 -3.87 -6.04
C GLY A 225 26.02 -4.00 -5.99
N GLU A 226 25.36 -3.09 -5.27
CA GLU A 226 23.91 -3.10 -5.19
C GLU A 226 23.38 -1.98 -6.05
N VAL A 227 22.10 -2.03 -6.37
CA VAL A 227 21.51 -1.02 -7.23
C VAL A 227 20.12 -0.54 -6.86
N PRO A 228 19.95 0.78 -6.68
CA PRO A 228 18.65 1.35 -6.33
C PRO A 228 17.57 0.89 -7.30
N VAL A 229 16.65 0.04 -6.84
CA VAL A 229 15.56 -0.40 -7.69
C VAL A 229 14.28 0.19 -7.14
N PHE A 230 13.59 0.99 -7.96
CA PHE A 230 12.38 1.67 -7.51
C PHE A 230 11.07 0.98 -7.87
N TRP A 231 10.12 1.12 -6.95
CA TRP A 231 8.80 0.52 -7.11
C TRP A 231 7.68 1.48 -6.78
N ALA A 232 6.52 1.16 -7.32
CA ALA A 232 5.31 1.95 -7.11
C ALA A 232 4.47 1.26 -6.03
N CYS A 233 3.80 2.05 -5.18
CA CYS A 233 2.97 1.46 -4.15
C CYS A 233 1.82 2.36 -3.69
N GLY A 234 1.01 1.84 -2.78
CA GLY A 234 -0.15 2.55 -2.27
C GLY A 234 0.03 3.91 -1.64
N VAL A 235 1.25 4.44 -1.63
CA VAL A 235 1.48 5.74 -1.05
C VAL A 235 0.97 6.79 -2.03
N THR A 236 1.32 6.61 -3.31
CA THR A 236 0.92 7.50 -4.39
C THR A 236 -0.58 7.73 -4.41
N PRO A 237 -1.38 6.65 -4.47
CA PRO A 237 -2.82 6.86 -4.48
C PRO A 237 -3.20 7.63 -3.22
N GLN A 238 -2.52 7.29 -2.13
CA GLN A 238 -2.74 7.94 -0.85
C GLN A 238 -2.33 9.42 -0.92
N ALA A 239 -1.11 9.67 -1.37
CA ALA A 239 -0.61 11.04 -1.47
C ALA A 239 -1.53 11.87 -2.36
N ALA A 240 -2.16 11.21 -3.34
CA ALA A 240 -3.07 11.90 -4.24
C ALA A 240 -4.31 12.38 -3.52
N VAL A 241 -5.07 11.46 -2.94
CA VAL A 241 -6.26 11.86 -2.21
C VAL A 241 -5.88 12.93 -1.19
N MET A 242 -4.80 12.69 -0.46
CA MET A 242 -4.32 13.64 0.56
C MET A 242 -4.16 15.06 0.03
N ALA A 243 -3.34 15.22 -0.99
CA ALA A 243 -3.09 16.54 -1.57
C ALA A 243 -4.28 17.15 -2.29
N SER A 244 -5.33 16.37 -2.52
CA SER A 244 -6.50 16.86 -3.23
C SER A 244 -7.63 17.36 -2.31
N GLY A 245 -7.37 17.38 -1.01
CA GLY A 245 -8.35 17.85 -0.06
C GLY A 245 -9.58 16.98 0.16
N VAL A 246 -9.40 15.67 0.26
CA VAL A 246 -10.54 14.78 0.50
C VAL A 246 -10.87 14.94 1.98
N PRO A 247 -12.10 15.38 2.29
CA PRO A 247 -12.54 15.58 3.67
C PRO A 247 -12.30 14.45 4.67
N PHE A 248 -12.68 13.23 4.32
CA PHE A 248 -12.54 12.11 5.23
C PHE A 248 -11.92 10.88 4.57
N ALA A 249 -10.97 10.26 5.25
CA ALA A 249 -10.32 9.07 4.69
C ALA A 249 -9.77 8.15 5.77
N ILE A 250 -9.78 6.86 5.46
CA ILE A 250 -9.26 5.84 6.36
C ILE A 250 -8.19 5.06 5.59
N THR A 251 -7.05 4.84 6.23
CA THR A 251 -5.98 4.09 5.60
C THR A 251 -5.36 3.16 6.63
N HIS A 252 -4.45 2.32 6.17
CA HIS A 252 -3.74 1.43 7.06
C HIS A 252 -2.59 2.32 7.51
N ALA A 253 -1.91 1.93 8.58
CA ALA A 253 -0.76 2.68 9.06
C ALA A 253 0.45 1.97 8.45
N PRO A 254 1.43 2.74 7.94
CA PRO A 254 2.61 2.12 7.34
C PRO A 254 3.10 0.86 8.04
N GLY A 255 3.30 -0.21 7.27
CA GLY A 255 3.76 -1.46 7.84
C GLY A 255 2.69 -2.32 8.50
N HIS A 256 1.45 -1.84 8.45
CA HIS A 256 0.34 -2.57 9.06
C HIS A 256 -0.78 -2.87 8.05
N MET A 257 -0.45 -3.67 7.04
CA MET A 257 -1.40 -4.03 5.99
C MET A 257 -2.45 -5.05 6.37
N PHE A 258 -3.36 -5.28 5.43
CA PHE A 258 -4.43 -6.24 5.59
C PHE A 258 -4.01 -7.55 4.94
N ILE A 259 -3.92 -8.61 5.71
CA ILE A 259 -3.51 -9.90 5.17
C ILE A 259 -4.73 -10.64 4.62
N THR A 260 -4.70 -10.89 3.31
CA THR A 260 -5.78 -11.55 2.61
C THR A 260 -5.70 -13.08 2.72
N ASP A 261 -6.66 -13.77 2.11
CA ASP A 261 -6.70 -15.23 2.11
C ASP A 261 -6.20 -15.71 0.76
N ILE A 262 -5.70 -14.78 -0.05
CA ILE A 262 -5.20 -15.10 -1.37
C ILE A 262 -3.70 -15.41 -1.33
N PRO A 263 -3.32 -16.59 -1.85
CA PRO A 263 -1.91 -17.02 -1.88
C PRO A 263 -1.13 -16.36 -3.03
N ASP A 264 0.00 -15.74 -2.66
CA ASP A 264 0.90 -15.05 -3.60
C ASP A 264 1.32 -16.02 -4.72
N THR A 265 0.34 -16.46 -5.52
CA THR A 265 0.58 -17.39 -6.61
C THR A 265 -0.59 -17.42 -7.59
N ALA A 266 -1.56 -16.54 -7.37
CA ALA A 266 -2.72 -16.48 -8.26
C ALA A 266 -2.65 -15.22 -9.14
#